data_1H3M
#
_entry.id   1H3M
#
_cell.length_a   73.604
_cell.length_b   73.604
_cell.length_c   175.562
_cell.angle_alpha   90.00
_cell.angle_beta   90.00
_cell.angle_gamma   90.00
#
_symmetry.space_group_name_H-M   'P 41 21 2'
#
loop_
_entity.id
_entity.type
_entity.pdbx_description
1 polymer '2-C-METHYL-D-ERYTHRITOL 4-PHOSPHATE CYTIDYLYLTRANSFERASE'
2 non-polymer 'CHLORIDE ION'
3 non-polymer PENTANE-1,5-DIAMINE
4 water water
#
_entity_poly.entity_id   1
_entity_poly.type   'polypeptide(L)'
_entity_poly.pdbx_seq_one_letter_code
;ATTHLDVCAVVPAAGFGRRMQTECPKQYLSIGNQTILEHSVHALLAHPRVKRVVIAISPGDSRFAQLPLANHPQITVVDG
GDERADSVLTGLKAAGDAQWVLVHDAARPCLHQDDLARLLALSETSRTGGILAAPVRDTMKRAEPGKNAIAHTVDRNGLW
HALTPQFFPRELLHDCLTRALNEGATITDEASALEYCGFHPQLVEGRADNIKVTRPEDLALAEFYLTRTIHQENT
;
_entity_poly.pdbx_strand_id   A,B
#
loop_
_chem_comp.id
_chem_comp.type
_chem_comp.name
_chem_comp.formula
CL non-polymer 'CHLORIDE ION' 'Cl -1'
N2P non-polymer PENTANE-1,5-DIAMINE 'C5 H14 N2'
#
# COMPACT_ATOMS: atom_id res chain seq x y z
N LEU A 5 -21.63 19.32 19.59
CA LEU A 5 -20.38 18.77 18.97
C LEU A 5 -20.11 17.31 19.35
N ASP A 6 -21.08 16.70 20.02
CA ASP A 6 -20.95 15.34 20.54
C ASP A 6 -20.93 14.33 19.40
N VAL A 7 -20.09 13.33 19.58
CA VAL A 7 -19.82 12.35 18.56
C VAL A 7 -19.94 11.01 19.26
N CYS A 8 -20.68 10.09 18.63
CA CYS A 8 -20.63 8.66 18.99
C CYS A 8 -19.72 7.88 18.02
N ALA A 9 -18.90 7.00 18.55
CA ALA A 9 -18.12 6.11 17.69
C ALA A 9 -18.80 4.76 17.59
N VAL A 10 -18.65 4.11 16.44
CA VAL A 10 -19.17 2.73 16.25
C VAL A 10 -18.05 1.80 15.71
N VAL A 11 -17.82 0.70 16.40
CA VAL A 11 -16.84 -0.26 15.96
C VAL A 11 -17.53 -1.55 15.57
N PRO A 12 -17.51 -1.90 14.28
CA PRO A 12 -18.03 -3.18 13.80
C PRO A 12 -16.97 -4.22 14.13
N ALA A 13 -17.25 -5.00 15.16
CA ALA A 13 -16.28 -5.96 15.70
C ALA A 13 -16.91 -7.33 15.42
N ALA A 14 -17.68 -7.30 14.33
CA ALA A 14 -18.83 -8.12 13.99
C ALA A 14 -19.70 -7.25 13.02
N CYS A 24 -10.02 -17.23 14.48
CA CYS A 24 -9.82 -16.47 15.71
C CYS A 24 -9.44 -15.01 15.42
N PRO A 25 -10.31 -14.08 15.78
CA PRO A 25 -10.27 -12.74 15.19
C PRO A 25 -9.03 -11.95 15.59
N LYS A 26 -8.42 -11.29 14.61
CA LYS A 26 -7.22 -10.50 14.85
C LYS A 26 -7.37 -9.34 15.86
N GLN A 27 -8.57 -8.76 16.04
CA GLN A 27 -8.72 -7.75 17.10
C GLN A 27 -8.53 -8.31 18.49
N TYR A 28 -8.62 -9.62 18.67
CA TYR A 28 -8.37 -10.13 20.01
C TYR A 28 -6.94 -10.55 20.28
N LEU A 29 -6.06 -10.34 19.30
CA LEU A 29 -4.61 -10.47 19.48
C LEU A 29 -4.12 -9.25 20.25
N SER A 30 -2.98 -9.40 20.91
CA SER A 30 -2.54 -8.39 21.89
C SER A 30 -1.23 -7.84 21.48
N ILE A 31 -1.10 -6.53 21.64
CA ILE A 31 0.18 -5.91 21.52
C ILE A 31 0.40 -5.36 22.90
N GLY A 32 1.30 -6.02 23.64
CA GLY A 32 1.80 -5.55 24.90
C GLY A 32 0.69 -5.51 25.91
N ASN A 33 0.45 -4.33 26.45
CA ASN A 33 -0.63 -4.09 27.39
C ASN A 33 -1.96 -4.80 27.01
N GLN A 34 -2.47 -4.47 25.82
CA GLN A 34 -3.90 -4.62 25.45
C GLN A 34 -4.10 -5.34 24.12
N THR A 35 -5.31 -5.84 23.89
CA THR A 35 -5.70 -6.27 22.54
C THR A 35 -5.70 -5.11 21.57
N ILE A 36 -5.58 -5.46 20.31
CA ILE A 36 -5.75 -4.58 19.18
C ILE A 36 -7.11 -3.85 19.30
N LEU A 37 -8.13 -4.59 19.72
CA LEU A 37 -9.44 -4.01 19.91
C LEU A 37 -9.38 -2.87 20.94
N GLU A 38 -8.68 -3.10 22.06
CA GLU A 38 -8.53 -2.06 23.10
C GLU A 38 -7.72 -0.84 22.65
N HIS A 39 -6.64 -1.05 21.90
CA HIS A 39 -5.91 0.07 21.32
C HIS A 39 -6.81 0.97 20.46
N SER A 40 -7.56 0.35 19.53
CA SER A 40 -8.40 1.07 18.57
C SER A 40 -9.41 1.88 19.29
N VAL A 41 -10.19 1.19 20.14
CA VAL A 41 -11.20 1.81 20.94
C VAL A 41 -10.55 2.97 21.74
N HIS A 42 -9.44 2.71 22.42
CA HIS A 42 -8.83 3.73 23.29
C HIS A 42 -8.38 4.96 22.54
N ALA A 43 -8.00 4.78 21.29
CA ALA A 43 -7.57 5.88 20.45
C ALA A 43 -8.78 6.76 20.14
N LEU A 44 -9.97 6.15 20.10
CA LEU A 44 -11.12 7.02 19.81
C LEU A 44 -11.54 7.75 21.09
N LEU A 45 -11.54 7.04 22.21
CA LEU A 45 -11.99 7.62 23.46
C LEU A 45 -11.11 8.76 23.89
N ALA A 46 -9.89 8.80 23.32
CA ALA A 46 -8.93 9.88 23.62
C ALA A 46 -9.54 11.24 23.32
N HIS A 47 -10.14 11.39 22.13
CA HIS A 47 -10.68 12.68 21.73
C HIS A 47 -11.91 13.06 22.54
N PRO A 48 -11.94 14.31 23.04
CA PRO A 48 -12.97 14.73 24.01
C PRO A 48 -14.40 14.81 23.43
N ARG A 49 -14.50 14.96 22.11
CA ARG A 49 -15.83 14.96 21.49
C ARG A 49 -16.48 13.57 21.49
N VAL A 50 -15.65 12.53 21.63
CA VAL A 50 -16.09 11.13 21.57
C VAL A 50 -16.47 10.70 22.94
N LYS A 51 -17.79 10.64 23.17
CA LYS A 51 -18.36 10.47 24.50
C LYS A 51 -18.57 9.00 24.78
N ARG A 52 -19.06 8.31 23.76
CA ARG A 52 -19.26 6.87 23.83
C ARG A 52 -18.76 6.11 22.59
N VAL A 53 -18.45 4.84 22.83
CA VAL A 53 -18.10 3.93 21.76
C VAL A 53 -19.09 2.79 21.70
N VAL A 54 -19.80 2.67 20.59
CA VAL A 54 -20.67 1.51 20.44
C VAL A 54 -19.98 0.35 19.70
N ILE A 55 -19.92 -0.81 20.33
CA ILE A 55 -19.18 -1.93 19.76
C ILE A 55 -20.14 -3.05 19.40
N ALA A 56 -20.19 -3.40 18.13
CA ALA A 56 -20.99 -4.55 17.67
C ALA A 56 -20.19 -5.84 17.85
N ILE A 57 -20.78 -6.79 18.56
CA ILE A 57 -20.15 -8.06 18.81
C ILE A 57 -21.07 -9.20 18.36
N SER A 58 -20.55 -10.20 17.61
CA SER A 58 -21.39 -11.34 17.22
C SER A 58 -21.75 -12.14 18.44
N PRO A 59 -22.94 -12.75 18.49
CA PRO A 59 -23.37 -13.47 19.72
C PRO A 59 -22.55 -14.75 20.04
N GLY A 60 -21.78 -15.25 19.08
CA GLY A 60 -20.84 -16.35 19.34
C GLY A 60 -19.66 -15.95 20.20
N ASP A 61 -19.03 -14.85 19.78
CA ASP A 61 -17.92 -14.16 20.47
C ASP A 61 -17.93 -14.20 22.03
N SER A 62 -16.98 -14.94 22.59
CA SER A 62 -16.84 -15.05 24.04
C SER A 62 -15.67 -14.25 24.61
N ARG A 63 -14.76 -13.79 23.74
CA ARG A 63 -13.55 -13.08 24.16
C ARG A 63 -13.84 -11.66 24.65
N PHE A 64 -14.93 -11.09 24.19
CA PHE A 64 -15.18 -9.68 24.45
C PHE A 64 -15.55 -9.42 25.90
N ALA A 65 -16.36 -10.33 26.44
CA ALA A 65 -16.91 -10.20 27.77
C ALA A 65 -15.83 -10.20 28.85
N GLN A 66 -14.69 -10.83 28.57
CA GLN A 66 -13.61 -10.92 29.55
C GLN A 66 -12.62 -9.75 29.54
N LEU A 67 -12.85 -8.74 28.71
CA LEU A 67 -11.94 -7.59 28.66
C LEU A 67 -12.46 -6.43 29.55
N PRO A 68 -11.59 -5.57 30.06
CA PRO A 68 -12.05 -4.38 30.82
C PRO A 68 -13.12 -3.53 30.09
N LEU A 69 -12.98 -3.35 28.78
CA LEU A 69 -13.98 -2.67 27.97
C LEU A 69 -15.39 -3.24 28.09
N ALA A 70 -15.54 -4.50 28.50
CA ALA A 70 -16.89 -5.05 28.65
C ALA A 70 -17.72 -4.35 29.75
N ASN A 71 -17.04 -3.65 30.65
CA ASN A 71 -17.72 -2.97 31.74
C ASN A 71 -17.35 -1.47 31.85
N HIS A 72 -16.64 -0.94 30.85
CA HIS A 72 -16.32 0.49 30.76
C HIS A 72 -17.65 1.23 30.62
N PRO A 73 -17.79 2.37 31.31
CA PRO A 73 -19.03 3.14 31.31
C PRO A 73 -19.33 3.92 30.01
N GLN A 74 -18.33 4.20 29.20
CA GLN A 74 -18.58 4.85 27.93
C GLN A 74 -18.66 3.87 26.74
N ILE A 75 -18.71 2.58 27.03
CA ILE A 75 -18.90 1.58 25.97
C ILE A 75 -20.28 0.92 26.03
N THR A 76 -20.95 0.87 24.89
CA THR A 76 -22.13 0.03 24.78
C THR A 76 -21.90 -1.07 23.77
N VAL A 77 -22.29 -2.28 24.14
CA VAL A 77 -22.25 -3.39 23.19
C VAL A 77 -23.63 -3.66 22.58
N VAL A 78 -23.68 -3.83 21.26
CA VAL A 78 -24.84 -4.38 20.55
C VAL A 78 -24.49 -5.69 19.84
N ASP A 79 -25.53 -6.45 19.51
CA ASP A 79 -25.36 -7.66 18.72
C ASP A 79 -25.01 -7.23 17.31
N GLY A 80 -23.86 -7.68 16.80
CA GLY A 80 -23.51 -7.43 15.42
C GLY A 80 -24.47 -8.21 14.55
N GLY A 81 -24.66 -7.78 13.31
CA GLY A 81 -25.58 -8.46 12.43
C GLY A 81 -24.93 -9.34 11.38
N ASP A 82 -25.65 -9.55 10.27
CA ASP A 82 -25.21 -10.46 9.25
C ASP A 82 -23.95 -9.95 8.58
N GLU A 83 -23.95 -8.66 8.27
CA GLU A 83 -22.86 -8.01 7.57
C GLU A 83 -22.36 -6.78 8.33
N ARG A 84 -21.17 -6.29 7.99
CA ARG A 84 -20.65 -5.03 8.52
C ARG A 84 -21.75 -3.97 8.65
N ALA A 85 -22.44 -3.72 7.55
CA ALA A 85 -23.45 -2.69 7.45
C ALA A 85 -24.66 -2.83 8.40
N ASP A 86 -25.07 -4.06 8.71
CA ASP A 86 -26.13 -4.21 9.71
C ASP A 86 -25.64 -3.77 11.06
N SER A 87 -24.40 -4.16 11.37
CA SER A 87 -23.77 -3.88 12.66
C SER A 87 -23.75 -2.39 12.89
N VAL A 88 -23.27 -1.68 11.87
CA VAL A 88 -23.17 -0.26 11.95
C VAL A 88 -24.55 0.38 12.15
N LEU A 89 -25.56 -0.02 11.36
CA LEU A 89 -26.93 0.49 11.57
C LEU A 89 -27.37 0.20 12.96
N THR A 90 -27.01 -0.96 13.50
CA THR A 90 -27.45 -1.25 14.86
C THR A 90 -26.76 -0.29 15.81
N GLY A 91 -25.51 0.02 15.50
CA GLY A 91 -24.68 0.90 16.29
C GLY A 91 -25.24 2.31 16.26
N LEU A 92 -25.63 2.78 15.07
CA LEU A 92 -26.21 4.10 14.91
C LEU A 92 -27.44 4.17 15.81
N LYS A 93 -28.42 3.30 15.57
CA LYS A 93 -29.57 3.23 16.46
C LYS A 93 -29.25 3.27 17.96
N ALA A 94 -28.08 2.84 18.40
CA ALA A 94 -27.79 2.96 19.85
C ALA A 94 -26.89 4.15 20.18
N ALA A 95 -26.58 4.99 19.19
CA ALA A 95 -25.78 6.18 19.43
C ALA A 95 -26.55 7.27 20.21
N GLY A 96 -27.76 6.92 20.66
CA GLY A 96 -28.62 7.81 21.42
C GLY A 96 -29.02 9.04 20.61
N ASP A 97 -28.37 10.17 20.95
CA ASP A 97 -28.77 11.51 20.54
C ASP A 97 -27.64 12.24 19.80
N ALA A 98 -26.46 11.63 19.77
CA ALA A 98 -25.34 12.08 18.93
C ALA A 98 -25.81 12.41 17.51
N GLN A 99 -25.14 13.36 16.88
CA GLN A 99 -25.57 13.87 15.58
C GLN A 99 -24.58 13.51 14.50
N TRP A 100 -23.34 13.29 14.91
CA TRP A 100 -22.33 12.83 13.99
C TRP A 100 -21.87 11.49 14.53
N VAL A 101 -21.31 10.69 13.64
CA VAL A 101 -21.04 9.28 13.94
C VAL A 101 -19.68 8.92 13.32
N LEU A 102 -18.86 8.28 14.14
CA LEU A 102 -17.49 7.97 13.75
C LEU A 102 -17.38 6.43 13.65
N VAL A 103 -17.20 5.90 12.44
CA VAL A 103 -17.11 4.42 12.28
C VAL A 103 -15.67 3.97 12.16
N HIS A 104 -15.26 3.05 13.03
CA HIS A 104 -13.85 2.66 13.09
C HIS A 104 -13.59 1.15 13.14
N ASP A 105 -12.58 0.67 12.40
CA ASP A 105 -12.30 -0.79 12.36
C ASP A 105 -11.72 -1.20 13.66
N ALA A 106 -12.24 -2.31 14.21
CA ALA A 106 -11.67 -3.00 15.39
C ALA A 106 -10.18 -3.31 15.31
N ALA A 107 -9.73 -3.63 14.10
CA ALA A 107 -8.36 -4.09 13.87
C ALA A 107 -7.43 -2.95 13.39
N ARG A 108 -7.80 -1.68 13.63
CA ARG A 108 -6.90 -0.55 13.31
C ARG A 108 -6.47 0.12 14.61
N PRO A 109 -5.43 -0.42 15.26
CA PRO A 109 -4.99 0.07 16.59
C PRO A 109 -3.96 1.24 16.55
N CYS A 110 -3.53 1.71 15.37
CA CYS A 110 -2.37 2.61 15.24
C CYS A 110 -2.78 4.04 14.93
N LEU A 111 -4.08 4.33 14.98
CA LEU A 111 -4.64 5.66 14.81
C LEU A 111 -3.98 6.69 15.71
N HIS A 112 -3.55 7.81 15.12
CA HIS A 112 -3.05 8.97 15.87
C HIS A 112 -4.15 10.04 16.14
N GLN A 113 -3.92 10.85 17.18
CA GLN A 113 -4.85 11.90 17.60
C GLN A 113 -4.98 13.03 16.62
N ASP A 114 -3.94 13.27 15.80
CA ASP A 114 -3.92 14.37 14.85
C ASP A 114 -4.67 14.11 13.56
N ASP A 115 -4.69 12.85 13.11
CA ASP A 115 -5.57 12.50 11.99
C ASP A 115 -6.97 12.47 12.55
N LEU A 116 -7.11 11.95 13.74
CA LEU A 116 -8.44 11.88 14.30
C LEU A 116 -9.09 13.29 14.44
N ALA A 117 -8.36 14.23 15.03
CA ALA A 117 -8.75 15.64 15.13
C ALA A 117 -8.95 16.26 13.75
N ARG A 118 -8.04 16.03 12.84
CA ARG A 118 -8.25 16.53 11.50
C ARG A 118 -9.58 16.03 10.87
N LEU A 119 -9.91 14.76 11.12
CA LEU A 119 -11.14 14.17 10.59
C LEU A 119 -12.34 14.76 11.25
N LEU A 120 -12.27 14.88 12.56
CA LEU A 120 -13.36 15.48 13.35
C LEU A 120 -13.69 16.95 13.00
N ALA A 121 -12.70 17.66 12.50
CA ALA A 121 -12.88 19.04 12.02
C ALA A 121 -14.01 19.14 10.98
N LEU A 122 -14.25 18.06 10.25
CA LEU A 122 -15.29 18.08 9.19
C LEU A 122 -16.74 18.45 9.60
N SER A 123 -17.14 18.23 10.87
CA SER A 123 -18.52 18.50 11.28
C SER A 123 -18.95 20.00 11.22
N GLU A 124 -18.04 20.83 10.71
CA GLU A 124 -18.12 22.28 10.72
C GLU A 124 -17.75 22.82 9.34
N THR A 125 -17.31 21.95 8.45
CA THR A 125 -16.82 22.39 7.16
C THR A 125 -17.62 21.73 6.05
N SER A 126 -18.43 20.74 6.44
CA SER A 126 -19.04 19.85 5.45
C SER A 126 -20.33 19.26 5.97
N ARG A 127 -21.09 18.72 5.03
CA ARG A 127 -22.45 18.25 5.23
C ARG A 127 -22.52 16.76 4.92
N THR A 128 -21.48 16.29 4.22
CA THR A 128 -21.31 14.87 3.88
C THR A 128 -20.51 14.05 4.89
N GLY A 129 -19.41 14.61 5.39
CA GLY A 129 -18.45 13.87 6.19
C GLY A 129 -17.38 13.32 5.25
N GLY A 130 -16.61 12.37 5.76
CA GLY A 130 -15.49 11.85 5.01
C GLY A 130 -14.72 10.86 5.83
N ILE A 131 -13.52 10.52 5.36
CA ILE A 131 -12.78 9.33 5.79
C ILE A 131 -11.31 9.67 5.83
N LEU A 132 -10.57 9.01 6.73
CA LEU A 132 -9.12 9.09 6.61
C LEU A 132 -8.77 8.29 5.40
N ALA A 133 -7.73 8.74 4.70
CA ALA A 133 -7.22 8.07 3.51
C ALA A 133 -5.75 8.46 3.30
N ALA A 134 -5.04 7.67 2.49
CA ALA A 134 -3.64 7.94 2.22
C ALA A 134 -3.37 7.77 0.73
N PRO A 135 -2.65 8.71 0.14
CA PRO A 135 -2.50 8.71 -1.32
C PRO A 135 -1.77 7.45 -1.75
N VAL A 136 -2.04 6.98 -2.96
CA VAL A 136 -1.35 5.79 -3.46
C VAL A 136 0.02 6.18 -4.06
N ARG A 137 1.06 5.42 -3.70
CA ARG A 137 2.46 5.73 -4.01
C ARG A 137 3.04 4.82 -5.07
N ASP A 138 2.75 3.54 -4.97
CA ASP A 138 3.28 2.58 -5.91
C ASP A 138 2.66 2.80 -7.29
N THR A 139 3.30 2.23 -8.30
CA THR A 139 2.70 2.19 -9.59
C THR A 139 1.75 0.98 -9.59
N MET A 140 0.53 1.19 -10.08
CA MET A 140 -0.54 0.19 -10.03
C MET A 140 -0.76 -0.45 -11.37
N LYS A 141 -0.94 -1.77 -11.36
CA LYS A 141 -1.28 -2.55 -12.56
C LYS A 141 -2.63 -3.24 -12.43
N ARG A 142 -3.33 -3.36 -13.55
CA ARG A 142 -4.57 -4.10 -13.65
C ARG A 142 -4.28 -5.40 -14.35
N ALA A 143 -4.68 -6.52 -13.75
CA ALA A 143 -4.57 -7.82 -14.40
C ALA A 143 -5.61 -7.95 -15.58
N GLU A 144 -5.24 -8.74 -16.58
CA GLU A 144 -6.19 -9.19 -17.56
C GLU A 144 -7.21 -9.99 -16.76
N PRO A 145 -8.49 -9.85 -17.06
CA PRO A 145 -9.54 -10.45 -16.21
C PRO A 145 -9.33 -11.95 -16.03
N GLY A 146 -9.23 -12.40 -14.79
CA GLY A 146 -9.09 -13.83 -14.49
C GLY A 146 -7.71 -14.37 -14.79
N LYS A 147 -6.81 -13.47 -15.18
CA LYS A 147 -5.44 -13.88 -15.47
C LYS A 147 -4.28 -13.32 -14.64
N ASN A 148 -3.16 -13.93 -14.97
CA ASN A 148 -1.84 -13.89 -14.40
C ASN A 148 -1.03 -12.65 -14.87
N ALA A 149 -1.60 -11.91 -15.83
CA ALA A 149 -0.83 -11.03 -16.67
C ALA A 149 -1.36 -9.63 -16.59
N ILE A 150 -0.46 -8.66 -16.76
CA ILE A 150 -0.83 -7.25 -16.76
C ILE A 150 -1.60 -6.89 -18.04
N ALA A 151 -2.77 -6.30 -17.88
CA ALA A 151 -3.49 -5.68 -18.98
C ALA A 151 -2.96 -4.25 -19.25
N HIS A 152 -2.97 -3.40 -18.23
CA HIS A 152 -2.38 -2.08 -18.35
C HIS A 152 -2.07 -1.46 -16.98
N THR A 153 -1.42 -0.30 -16.99
CA THR A 153 -1.13 0.45 -15.79
C THR A 153 -2.36 1.23 -15.36
N VAL A 154 -2.66 1.30 -14.07
CA VAL A 154 -3.81 2.05 -13.57
C VAL A 154 -3.35 3.43 -13.08
N ASP A 155 -4.09 4.47 -13.44
CA ASP A 155 -3.66 5.81 -13.14
C ASP A 155 -3.76 6.11 -11.64
N ARG A 156 -2.64 6.44 -10.99
CA ARG A 156 -2.65 6.65 -9.53
C ARG A 156 -2.85 8.08 -9.01
N ASN A 157 -3.00 9.04 -9.91
CA ASN A 157 -3.24 10.43 -9.48
C ASN A 157 -4.71 10.49 -9.08
N GLY A 158 -5.03 11.03 -7.92
CA GLY A 158 -6.38 10.89 -7.40
C GLY A 158 -6.76 9.46 -6.95
N LEU A 159 -5.79 8.57 -6.82
CA LEU A 159 -6.07 7.27 -6.19
C LEU A 159 -5.66 7.24 -4.67
N TRP A 160 -6.61 6.85 -3.82
CA TRP A 160 -6.42 6.85 -2.36
C TRP A 160 -6.74 5.50 -1.70
N HIS A 161 -5.88 5.11 -0.75
CA HIS A 161 -6.17 4.08 0.24
C HIS A 161 -7.27 4.62 1.16
N ALA A 162 -8.43 3.94 1.22
CA ALA A 162 -9.49 4.28 2.19
C ALA A 162 -9.16 3.75 3.59
N LEU A 163 -9.17 4.60 4.58
CA LEU A 163 -8.84 4.12 5.90
C LEU A 163 -10.06 4.33 6.75
N THR A 164 -9.90 4.18 8.06
CA THR A 164 -10.92 4.61 8.98
C THR A 164 -10.17 5.32 10.11
N PRO A 165 -10.84 6.13 10.94
CA PRO A 165 -12.30 6.25 11.03
C PRO A 165 -13.03 6.87 9.83
N GLN A 166 -14.34 6.66 9.77
CA GLN A 166 -15.15 7.28 8.71
C GLN A 166 -16.21 8.07 9.43
N PHE A 167 -16.32 9.38 9.11
CA PHE A 167 -17.04 10.33 9.96
C PHE A 167 -18.17 10.98 9.21
N PHE A 168 -19.40 10.80 9.71
CA PHE A 168 -20.60 11.19 8.96
C PHE A 168 -21.72 11.69 9.84
N PRO A 169 -22.58 12.53 9.25
CA PRO A 169 -23.86 12.86 9.89
C PRO A 169 -24.58 11.57 10.09
N ARG A 170 -25.03 11.36 11.31
CA ARG A 170 -25.64 10.13 11.73
C ARG A 170 -26.83 9.75 10.86
N GLU A 171 -27.71 10.73 10.58
CA GLU A 171 -28.94 10.48 9.82
C GLU A 171 -28.65 10.18 8.36
N LEU A 172 -27.68 10.89 7.78
CA LEU A 172 -27.23 10.64 6.42
C LEU A 172 -26.69 9.20 6.39
N LEU A 173 -25.76 8.89 7.27
CA LEU A 173 -25.27 7.52 7.34
C LEU A 173 -26.42 6.53 7.45
N HIS A 174 -27.28 6.73 8.44
CA HIS A 174 -28.49 5.91 8.63
C HIS A 174 -29.27 5.70 7.34
N ASP A 175 -29.53 6.77 6.63
CA ASP A 175 -30.27 6.69 5.36
C ASP A 175 -29.52 5.98 4.23
N CYS A 176 -28.22 6.17 4.12
CA CYS A 176 -27.53 5.55 3.00
C CYS A 176 -27.39 4.05 3.24
N LEU A 177 -27.17 3.69 4.50
CA LEU A 177 -27.01 2.27 4.88
C LEU A 177 -28.32 1.52 4.75
N THR A 178 -29.42 2.19 5.09
CA THR A 178 -30.72 1.57 5.08
C THR A 178 -31.01 1.23 3.63
N ARG A 179 -30.85 2.22 2.76
CA ARG A 179 -31.15 2.04 1.35
C ARG A 179 -30.26 0.99 0.66
N ALA A 180 -28.95 0.98 0.94
CA ALA A 180 -28.04 0.03 0.29
C ALA A 180 -28.29 -1.41 0.79
N LEU A 181 -28.58 -1.58 2.08
CA LEU A 181 -28.91 -2.90 2.54
C LEU A 181 -30.21 -3.44 1.91
N ASN A 182 -31.19 -2.56 1.73
CA ASN A 182 -32.51 -2.95 1.24
C ASN A 182 -32.54 -3.19 -0.26
N GLU A 183 -31.78 -2.38 -1.00
CA GLU A 183 -31.59 -2.60 -2.41
C GLU A 183 -30.53 -3.71 -2.69
N GLY A 184 -29.85 -4.20 -1.66
CA GLY A 184 -28.92 -5.30 -1.77
C GLY A 184 -27.64 -4.94 -2.51
N ALA A 185 -27.25 -3.66 -2.40
CA ALA A 185 -26.04 -3.14 -3.07
C ALA A 185 -24.79 -3.73 -2.45
N THR A 186 -23.72 -3.70 -3.22
CA THR A 186 -22.50 -4.24 -2.74
C THR A 186 -21.74 -3.13 -2.08
N ILE A 187 -21.69 -3.26 -0.75
CA ILE A 187 -21.15 -2.29 0.19
C ILE A 187 -19.78 -2.79 0.68
N THR A 188 -18.76 -1.94 0.65
CA THR A 188 -17.52 -2.22 1.36
C THR A 188 -17.40 -1.32 2.61
N ASP A 189 -16.86 -0.10 2.45
CA ASP A 189 -16.80 0.72 3.65
C ASP A 189 -18.11 1.52 3.84
N GLU A 190 -18.25 2.29 4.90
CA GLU A 190 -19.38 3.24 5.05
C GLU A 190 -19.43 4.28 3.99
N ALA A 191 -18.27 4.82 3.65
CA ALA A 191 -18.20 5.71 2.53
C ALA A 191 -18.88 5.18 1.25
N SER A 192 -18.82 3.89 0.96
CA SER A 192 -19.35 3.32 -0.28
C SER A 192 -20.87 3.31 -0.27
N ALA A 193 -21.47 3.19 0.90
CA ALA A 193 -22.90 3.36 1.04
C ALA A 193 -23.40 4.79 0.69
N LEU A 194 -22.65 5.84 1.07
CA LEU A 194 -22.98 7.20 0.64
C LEU A 194 -22.84 7.33 -0.84
N GLU A 195 -21.78 6.74 -1.39
CA GLU A 195 -21.41 6.86 -2.82
C GLU A 195 -22.57 6.27 -3.64
N TYR A 196 -23.01 5.09 -3.21
CA TYR A 196 -24.10 4.39 -3.80
C TYR A 196 -25.39 5.22 -3.82
N CYS A 197 -25.57 6.08 -2.79
CA CYS A 197 -26.75 6.90 -2.72
C CYS A 197 -26.53 8.23 -3.38
N GLY A 198 -25.39 8.40 -4.06
CA GLY A 198 -25.10 9.64 -4.77
C GLY A 198 -24.31 10.74 -4.05
N PHE A 199 -23.76 10.45 -2.87
CA PHE A 199 -22.99 11.44 -2.11
C PHE A 199 -21.49 11.35 -2.44
N HIS A 200 -20.72 12.35 -2.00
CA HIS A 200 -19.30 12.43 -2.30
C HIS A 200 -18.50 12.86 -1.10
N PRO A 201 -18.21 11.91 -0.23
CA PRO A 201 -17.58 12.22 1.06
C PRO A 201 -16.14 12.64 0.81
N GLN A 202 -15.58 13.38 1.75
CA GLN A 202 -14.23 13.93 1.59
C GLN A 202 -13.14 12.99 2.06
N LEU A 203 -12.04 13.04 1.33
CA LEU A 203 -10.78 12.40 1.69
C LEU A 203 -9.92 13.30 2.58
N VAL A 204 -9.85 13.00 3.87
CA VAL A 204 -8.86 13.61 4.74
C VAL A 204 -7.53 12.80 4.77
N GLU A 205 -6.41 13.38 4.33
CA GLU A 205 -5.13 12.67 4.25
C GLU A 205 -4.65 12.25 5.62
N GLY A 206 -4.39 10.97 5.77
CA GLY A 206 -3.99 10.41 7.04
C GLY A 206 -2.61 9.84 6.94
N ARG A 207 -2.03 9.57 8.11
CA ARG A 207 -0.82 8.75 8.16
C ARG A 207 -1.03 7.36 7.54
N ALA A 208 -0.04 6.92 6.78
CA ALA A 208 -0.03 5.62 6.11
C ALA A 208 0.23 4.46 7.04
N ASP A 209 0.48 4.75 8.31
CA ASP A 209 0.79 3.71 9.27
C ASP A 209 -0.46 3.30 10.06
N ASN A 210 -1.60 3.81 9.60
CA ASN A 210 -2.88 3.44 10.16
C ASN A 210 -3.38 2.12 9.55
N ILE A 211 -2.69 1.01 9.85
CA ILE A 211 -2.91 -0.21 9.11
C ILE A 211 -3.97 -1.09 9.76
N LYS A 212 -4.53 -2.00 8.98
CA LYS A 212 -5.53 -2.93 9.48
C LYS A 212 -4.78 -4.23 9.67
N VAL A 213 -4.89 -4.80 10.86
CA VAL A 213 -4.18 -6.01 11.14
C VAL A 213 -5.04 -7.16 10.63
N THR A 214 -4.62 -7.72 9.50
CA THR A 214 -5.38 -8.75 8.81
C THR A 214 -4.64 -10.11 8.70
N ARG A 215 -3.34 -10.05 8.41
CA ARG A 215 -2.45 -11.22 8.35
C ARG A 215 -1.51 -11.35 9.56
N PRO A 216 -0.91 -12.54 9.78
CA PRO A 216 0.12 -12.72 10.83
C PRO A 216 1.18 -11.64 10.94
N GLU A 217 1.76 -11.24 9.81
CA GLU A 217 2.89 -10.31 9.85
C GLU A 217 2.46 -8.89 10.10
N ASP A 218 1.17 -8.58 9.86
CA ASP A 218 0.60 -7.28 10.19
C ASP A 218 0.81 -6.99 11.68
N LEU A 219 0.65 -8.02 12.51
CA LEU A 219 0.77 -7.88 13.97
C LEU A 219 2.11 -7.34 14.40
N ALA A 220 3.17 -7.87 13.78
CA ALA A 220 4.52 -7.39 14.07
C ALA A 220 4.64 -5.94 13.66
N LEU A 221 4.06 -5.62 12.51
CA LEU A 221 4.09 -4.28 11.97
C LEU A 221 3.33 -3.29 12.87
N ALA A 222 2.14 -3.69 13.31
CA ALA A 222 1.34 -2.82 14.12
C ALA A 222 2.16 -2.49 15.34
N GLU A 223 2.72 -3.52 16.00
CA GLU A 223 3.57 -3.37 17.20
C GLU A 223 4.72 -2.42 16.95
N PHE A 224 5.46 -2.62 15.86
CA PHE A 224 6.48 -1.65 15.44
C PHE A 224 5.92 -0.22 15.43
N TYR A 225 4.87 -0.01 14.65
CA TYR A 225 4.25 1.29 14.52
C TYR A 225 3.81 1.86 15.84
N LEU A 226 3.21 1.03 16.69
CA LEU A 226 2.72 1.53 17.96
C LEU A 226 3.83 1.94 18.92
N THR A 227 5.02 1.34 18.81
CA THR A 227 6.12 1.70 19.75
C THR A 227 6.98 2.89 19.32
N ARG A 228 7.19 3.03 18.00
CA ARG A 228 7.83 4.19 17.36
C ARG A 228 7.66 5.53 18.08
N HIS B 4 23.73 -19.78 -20.45
CA HIS B 4 22.29 -20.08 -20.80
C HIS B 4 21.38 -19.45 -19.73
N LEU B 5 21.74 -19.67 -18.46
CA LEU B 5 20.97 -19.26 -17.29
C LEU B 5 21.55 -18.03 -16.59
N ASP B 6 22.52 -17.39 -17.23
CA ASP B 6 23.18 -16.26 -16.59
C ASP B 6 22.44 -14.96 -16.83
N VAL B 7 22.40 -14.14 -15.80
CA VAL B 7 21.42 -13.07 -15.79
C VAL B 7 22.13 -11.77 -15.55
N CYS B 8 21.71 -10.70 -16.22
CA CYS B 8 22.33 -9.42 -15.92
C CYS B 8 21.33 -8.53 -15.22
N ALA B 9 21.80 -7.79 -14.24
CA ALA B 9 20.90 -6.93 -13.49
C ALA B 9 21.27 -5.49 -13.78
N VAL B 10 20.25 -4.65 -13.88
CA VAL B 10 20.46 -3.25 -14.21
C VAL B 10 19.83 -2.43 -13.11
N VAL B 11 20.55 -1.43 -12.61
CA VAL B 11 19.98 -0.53 -11.59
C VAL B 11 20.10 0.91 -11.99
N PRO B 12 19.00 1.49 -12.44
CA PRO B 12 18.94 2.95 -12.71
C PRO B 12 19.07 3.77 -11.42
N ALA B 13 20.21 4.46 -11.28
CA ALA B 13 20.53 5.27 -10.09
C ALA B 13 20.80 6.77 -10.38
N ALA B 14 19.82 7.40 -11.04
CA ALA B 14 19.74 8.87 -11.15
C ALA B 14 18.28 9.30 -10.98
N GLY B 15 18.01 10.60 -11.15
CA GLY B 15 16.66 11.13 -11.05
C GLY B 15 16.17 11.26 -9.62
N GLU B 23 19.93 18.33 -0.58
CA GLU B 23 18.73 17.74 -1.17
C GLU B 23 18.66 16.19 -1.07
N CYS B 24 19.67 15.58 -0.43
CA CYS B 24 20.06 14.14 -0.56
C CYS B 24 19.14 13.10 -1.26
N PRO B 25 19.67 12.48 -2.34
CA PRO B 25 18.97 11.39 -3.04
C PRO B 25 18.79 10.20 -2.12
N LYS B 26 17.62 9.58 -2.16
CA LYS B 26 17.25 8.64 -1.12
C LYS B 26 18.06 7.34 -1.17
N GLN B 27 18.46 6.95 -2.37
CA GLN B 27 19.29 5.75 -2.57
C GLN B 27 20.60 5.79 -1.78
N TYR B 28 20.93 6.99 -1.30
CA TYR B 28 22.20 7.26 -0.64
C TYR B 28 21.99 7.49 0.85
N LEU B 29 20.71 7.48 1.27
CA LEU B 29 20.38 7.29 2.69
C LEU B 29 20.90 5.96 3.13
N SER B 30 21.20 5.88 4.44
CA SER B 30 21.86 4.73 5.01
C SER B 30 21.05 3.98 6.04
N ILE B 31 21.25 2.66 6.06
CA ILE B 31 20.65 1.80 7.07
C ILE B 31 21.74 0.90 7.56
N GLY B 32 22.16 1.12 8.81
CA GLY B 32 23.33 0.46 9.35
C GLY B 32 24.57 0.85 8.54
N ASN B 33 25.30 -0.16 8.10
CA ASN B 33 26.57 -0.03 7.37
C ASN B 33 26.50 0.67 6.03
N GLN B 34 25.36 0.48 5.36
CA GLN B 34 25.30 0.63 3.92
C GLN B 34 24.21 1.62 3.56
N THR B 35 24.37 2.20 2.38
CA THR B 35 23.28 2.86 1.65
C THR B 35 22.22 1.87 1.17
N ILE B 36 21.02 2.39 0.98
CA ILE B 36 19.96 1.66 0.33
C ILE B 36 20.43 0.87 -0.91
N LEU B 37 21.20 1.56 -1.76
CA LEU B 37 21.69 1.01 -3.01
C LEU B 37 22.49 -0.25 -2.81
N GLU B 38 23.37 -0.20 -1.82
CA GLU B 38 24.22 -1.35 -1.50
C GLU B 38 23.37 -2.48 -1.00
N HIS B 39 22.38 -2.16 -0.18
CA HIS B 39 21.45 -3.17 0.33
C HIS B 39 20.68 -3.83 -0.85
N SER B 40 20.28 -3.01 -1.82
CA SER B 40 19.52 -3.48 -3.00
C SER B 40 20.37 -4.35 -3.88
N VAL B 41 21.55 -3.82 -4.20
CA VAL B 41 22.48 -4.48 -5.10
C VAL B 41 22.93 -5.79 -4.51
N HIS B 42 23.21 -5.78 -3.20
CA HIS B 42 23.61 -7.00 -2.49
C HIS B 42 22.49 -8.05 -2.56
N ALA B 43 21.22 -7.62 -2.49
CA ALA B 43 20.12 -8.58 -2.59
C ALA B 43 20.11 -9.18 -4.00
N LEU B 44 20.52 -8.40 -4.98
CA LEU B 44 20.66 -8.95 -6.31
C LEU B 44 21.81 -9.95 -6.38
N LEU B 45 23.00 -9.54 -5.92
CA LEU B 45 24.18 -10.39 -6.07
C LEU B 45 24.07 -11.78 -5.48
N ALA B 46 23.19 -11.94 -4.48
CA ALA B 46 23.06 -13.21 -3.76
C ALA B 46 22.56 -14.35 -4.63
N HIS B 47 21.68 -14.05 -5.56
CA HIS B 47 21.19 -15.12 -6.40
C HIS B 47 22.30 -15.65 -7.32
N PRO B 48 22.48 -16.97 -7.33
CA PRO B 48 23.49 -17.62 -8.17
C PRO B 48 23.52 -17.09 -9.63
N ARG B 49 22.35 -16.89 -10.23
CA ARG B 49 22.21 -16.45 -11.63
C ARG B 49 22.66 -15.01 -11.93
N VAL B 50 22.63 -14.15 -10.93
CA VAL B 50 22.98 -12.75 -11.14
C VAL B 50 24.48 -12.60 -11.10
N LYS B 51 25.05 -12.72 -12.31
CA LYS B 51 26.49 -12.73 -12.57
C LYS B 51 27.05 -11.31 -12.56
N ARG B 52 26.24 -10.32 -12.94
CA ARG B 52 26.64 -8.93 -12.77
C ARG B 52 25.51 -7.94 -12.60
N VAL B 53 25.87 -6.78 -12.05
CA VAL B 53 24.94 -5.68 -11.82
C VAL B 53 25.54 -4.47 -12.50
N VAL B 54 24.76 -3.84 -13.35
CA VAL B 54 25.16 -2.60 -13.99
C VAL B 54 24.37 -1.51 -13.33
N ILE B 55 25.07 -0.56 -12.72
CA ILE B 55 24.45 0.58 -12.05
C ILE B 55 24.57 1.81 -12.94
N ALA B 56 23.45 2.40 -13.29
CA ALA B 56 23.41 3.65 -14.03
C ALA B 56 23.55 4.80 -13.06
N ILE B 57 24.68 5.52 -13.12
CA ILE B 57 24.86 6.70 -12.26
C ILE B 57 25.12 7.96 -13.07
N SER B 58 24.52 9.06 -12.60
CA SER B 58 24.51 10.34 -13.31
C SER B 58 25.87 11.05 -13.33
N PRO B 59 26.12 11.79 -14.42
CA PRO B 59 27.41 12.43 -14.69
C PRO B 59 28.14 13.02 -13.49
N GLY B 60 27.51 13.91 -12.70
CA GLY B 60 28.24 14.69 -11.72
C GLY B 60 28.12 14.33 -10.23
N ASP B 61 28.19 13.04 -9.92
CA ASP B 61 27.85 12.50 -8.59
C ASP B 61 29.01 11.78 -7.89
N SER B 62 29.42 12.36 -6.77
CA SER B 62 30.63 11.96 -6.06
C SER B 62 30.32 11.06 -4.86
N ARG B 63 29.03 10.72 -4.72
CA ARG B 63 28.57 9.84 -3.66
C ARG B 63 28.91 8.39 -3.97
N PHE B 64 28.75 7.99 -5.24
CA PHE B 64 29.02 6.61 -5.64
C PHE B 64 30.46 6.15 -5.46
N ALA B 65 31.43 6.91 -5.97
CA ALA B 65 32.82 6.43 -6.02
C ALA B 65 33.38 6.08 -4.62
N GLN B 66 32.69 6.58 -3.58
CA GLN B 66 33.04 6.39 -2.18
C GLN B 66 32.48 5.11 -1.54
N LEU B 67 31.74 4.32 -2.32
CA LEU B 67 31.15 3.07 -1.83
C LEU B 67 31.96 1.86 -2.33
N PRO B 68 32.08 0.82 -1.53
CA PRO B 68 32.71 -0.43 -1.96
C PRO B 68 32.31 -0.89 -3.37
N LEU B 69 31.29 -0.25 -3.95
CA LEU B 69 30.69 -0.63 -5.24
C LEU B 69 31.44 -0.07 -6.43
N ALA B 70 32.11 1.06 -6.24
CA ALA B 70 32.89 1.68 -7.30
C ALA B 70 34.04 0.79 -7.74
N ASN B 71 34.20 -0.37 -7.07
CA ASN B 71 35.24 -1.34 -7.45
C ASN B 71 34.94 -2.85 -7.27
N HIS B 72 33.66 -3.22 -7.13
CA HIS B 72 33.24 -4.63 -7.10
C HIS B 72 33.54 -5.37 -8.43
N PRO B 73 34.16 -6.56 -8.35
CA PRO B 73 34.41 -7.38 -9.54
C PRO B 73 33.19 -7.63 -10.43
N GLN B 74 31.99 -7.61 -9.85
CA GLN B 74 30.77 -7.92 -10.62
C GLN B 74 29.87 -6.69 -10.88
N ILE B 75 30.39 -5.50 -10.59
CA ILE B 75 29.72 -4.24 -10.93
C ILE B 75 30.40 -3.40 -12.04
N THR B 76 29.64 -3.17 -13.11
CA THR B 76 29.96 -2.19 -14.13
C THR B 76 29.18 -0.93 -13.85
N VAL B 77 29.86 0.21 -13.81
CA VAL B 77 29.17 1.50 -13.87
C VAL B 77 28.96 1.88 -15.34
N VAL B 78 27.91 2.67 -15.58
CA VAL B 78 27.64 3.32 -16.85
C VAL B 78 27.07 4.68 -16.47
N ASP B 79 26.85 5.54 -17.48
CA ASP B 79 26.46 6.92 -17.20
C ASP B 79 24.94 7.10 -17.16
N GLY B 80 24.49 8.01 -16.29
CA GLY B 80 23.09 8.33 -16.14
C GLY B 80 22.47 8.86 -17.41
N GLY B 81 21.14 8.97 -17.41
CA GLY B 81 20.40 9.53 -18.53
C GLY B 81 19.41 10.55 -18.03
N ASP B 82 18.58 11.06 -18.95
CA ASP B 82 17.59 12.07 -18.63
C ASP B 82 16.30 11.47 -18.04
N GLU B 83 16.02 10.21 -18.38
CA GLU B 83 14.88 9.45 -17.86
C GLU B 83 15.36 8.07 -17.38
N ARG B 84 14.54 7.41 -16.54
CA ARG B 84 14.78 6.03 -16.11
C ARG B 84 14.93 5.16 -17.35
N ALA B 85 14.08 5.40 -18.34
CA ALA B 85 14.07 4.61 -19.55
C ALA B 85 15.40 4.62 -20.28
N ASP B 86 15.96 5.81 -20.51
CA ASP B 86 17.24 5.91 -21.22
C ASP B 86 18.30 5.10 -20.49
N SER B 87 18.47 5.40 -19.19
CA SER B 87 19.40 4.69 -18.30
C SER B 87 19.44 3.17 -18.50
N VAL B 88 18.28 2.53 -18.56
CA VAL B 88 18.21 1.06 -18.67
C VAL B 88 18.74 0.61 -20.04
N LEU B 89 18.27 1.28 -21.09
CA LEU B 89 18.81 1.11 -22.46
C LEU B 89 20.33 1.20 -22.50
N THR B 90 20.88 2.24 -21.86
CA THR B 90 22.34 2.32 -21.65
C THR B 90 22.86 1.04 -20.97
N GLY B 91 22.21 0.64 -19.87
CA GLY B 91 22.64 -0.52 -19.10
C GLY B 91 22.69 -1.83 -19.87
N LEU B 92 21.73 -2.05 -20.78
CA LEU B 92 21.68 -3.29 -21.56
C LEU B 92 22.84 -3.51 -22.54
N LYS B 93 23.57 -2.43 -22.85
CA LYS B 93 24.75 -2.52 -23.72
C LYS B 93 25.88 -3.14 -22.91
N ALA B 94 25.94 -2.80 -21.62
CA ALA B 94 26.92 -3.37 -20.70
C ALA B 94 26.55 -4.79 -20.31
N ALA B 95 25.34 -5.22 -20.69
CA ALA B 95 24.76 -6.51 -20.25
C ALA B 95 25.48 -7.79 -20.70
N GLY B 96 26.48 -7.66 -21.57
CA GLY B 96 27.27 -8.82 -21.95
C GLY B 96 26.50 -9.80 -22.83
N ASP B 97 26.71 -11.10 -22.56
CA ASP B 97 26.01 -12.19 -23.28
C ASP B 97 24.74 -12.73 -22.54
N ALA B 98 24.13 -11.88 -21.71
CA ALA B 98 22.90 -12.21 -20.99
C ALA B 98 21.66 -12.21 -21.87
N GLN B 99 20.97 -13.35 -21.90
CA GLN B 99 19.70 -13.43 -22.61
C GLN B 99 18.48 -12.86 -21.85
N TRP B 100 18.66 -12.49 -20.56
CA TRP B 100 17.58 -11.95 -19.70
C TRP B 100 18.07 -10.84 -18.78
N VAL B 101 17.24 -9.83 -18.58
CA VAL B 101 17.67 -8.72 -17.76
C VAL B 101 16.71 -8.51 -16.63
N LEU B 102 17.30 -8.20 -15.48
CA LEU B 102 16.60 -7.98 -14.22
C LEU B 102 16.87 -6.56 -13.87
N VAL B 103 15.81 -5.75 -13.81
CA VAL B 103 15.96 -4.34 -13.55
C VAL B 103 15.31 -4.03 -12.19
N HIS B 104 16.09 -3.43 -11.29
CA HIS B 104 15.62 -3.25 -9.92
C HIS B 104 15.88 -1.85 -9.43
N ASP B 105 14.93 -1.37 -8.65
CA ASP B 105 15.04 -0.08 -7.99
C ASP B 105 16.16 -0.06 -6.97
N ALA B 106 16.93 1.01 -7.02
CA ALA B 106 18.04 1.24 -6.12
C ALA B 106 17.53 1.50 -4.71
N ALA B 107 16.32 2.07 -4.63
CA ALA B 107 15.68 2.37 -3.35
C ALA B 107 14.76 1.27 -2.78
N ARG B 108 14.89 0.03 -3.26
CA ARG B 108 14.09 -1.08 -2.75
C ARG B 108 15.07 -2.07 -2.14
N PRO B 109 15.45 -1.81 -0.90
CA PRO B 109 16.52 -2.59 -0.26
C PRO B 109 16.02 -3.93 0.35
N CYS B 110 14.70 -4.14 0.50
CA CYS B 110 14.21 -5.26 1.32
C CYS B 110 13.92 -6.56 0.56
N LEU B 111 14.23 -6.59 -0.74
CA LEU B 111 14.06 -7.76 -1.57
C LEU B 111 14.55 -9.02 -0.85
N HIS B 112 13.72 -10.07 -0.77
CA HIS B 112 14.15 -11.35 -0.20
C HIS B 112 14.48 -12.35 -1.31
N GLN B 113 15.31 -13.31 -0.99
CA GLN B 113 15.75 -14.32 -1.94
C GLN B 113 14.65 -15.18 -2.52
N ASP B 114 13.67 -15.58 -1.71
CA ASP B 114 12.62 -16.49 -2.18
C ASP B 114 11.71 -15.87 -3.27
N ASP B 115 11.45 -14.57 -3.14
CA ASP B 115 10.68 -13.84 -4.16
C ASP B 115 11.44 -13.75 -5.50
N LEU B 116 12.76 -13.59 -5.40
CA LEU B 116 13.60 -13.35 -6.56
C LEU B 116 13.71 -14.63 -7.38
N ALA B 117 13.76 -15.76 -6.69
CA ALA B 117 13.85 -17.07 -7.32
C ALA B 117 12.54 -17.45 -7.97
N ARG B 118 11.43 -16.93 -7.42
CA ARG B 118 10.17 -17.14 -8.07
C ARG B 118 10.11 -16.31 -9.36
N LEU B 119 10.58 -15.07 -9.31
CA LEU B 119 10.58 -14.22 -10.48
C LEU B 119 11.54 -14.76 -11.55
N LEU B 120 12.76 -15.11 -11.15
CA LEU B 120 13.77 -15.62 -12.08
C LEU B 120 13.26 -16.81 -12.86
N ALA B 121 12.61 -17.74 -12.16
CA ALA B 121 11.96 -18.92 -12.75
C ALA B 121 11.17 -18.67 -14.04
N LEU B 122 10.56 -17.49 -14.17
CA LEU B 122 9.80 -17.15 -15.37
C LEU B 122 10.56 -17.41 -16.66
N SER B 123 11.89 -17.27 -16.60
CA SER B 123 12.77 -17.45 -17.78
C SER B 123 12.60 -18.80 -18.41
N GLU B 124 11.93 -19.69 -17.70
CA GLU B 124 11.72 -21.08 -18.10
C GLU B 124 10.39 -21.19 -18.83
N THR B 125 9.54 -20.18 -18.62
CA THR B 125 8.10 -20.32 -18.73
C THR B 125 7.49 -19.23 -19.61
N SER B 126 8.19 -18.11 -19.69
CA SER B 126 7.68 -16.94 -20.33
C SER B 126 8.62 -16.55 -21.45
N ARG B 127 8.04 -15.90 -22.44
CA ARG B 127 8.77 -15.34 -23.55
C ARG B 127 8.60 -13.84 -23.40
N THR B 128 7.67 -13.45 -22.52
CA THR B 128 7.49 -12.04 -22.15
C THR B 128 8.28 -11.59 -20.91
N GLY B 129 8.43 -12.46 -19.92
CA GLY B 129 8.91 -12.07 -18.58
C GLY B 129 7.82 -11.59 -17.61
N GLY B 130 8.20 -10.82 -16.60
CA GLY B 130 7.29 -10.43 -15.52
C GLY B 130 7.90 -9.63 -14.37
N ILE B 131 7.01 -9.14 -13.48
CA ILE B 131 7.38 -8.23 -12.37
C ILE B 131 6.94 -8.79 -11.00
N LEU B 132 7.65 -8.39 -9.93
CA LEU B 132 7.19 -8.70 -8.59
C LEU B 132 6.03 -7.81 -8.31
N ALA B 133 5.01 -8.37 -7.67
CA ALA B 133 3.87 -7.51 -7.33
C ALA B 133 3.13 -7.97 -6.07
N ALA B 134 2.22 -7.13 -5.63
CA ALA B 134 1.48 -7.41 -4.41
C ALA B 134 0.04 -6.98 -4.66
N PRO B 135 -0.88 -7.90 -4.44
CA PRO B 135 -2.31 -7.64 -4.59
C PRO B 135 -2.73 -6.51 -3.74
N VAL B 136 -3.70 -5.73 -4.18
CA VAL B 136 -4.21 -4.64 -3.36
C VAL B 136 -5.25 -5.23 -2.42
N ARG B 137 -5.09 -5.01 -1.11
CA ARG B 137 -5.96 -5.59 -0.06
C ARG B 137 -6.87 -4.53 0.59
N ASP B 138 -6.63 -3.27 0.29
CA ASP B 138 -7.28 -2.08 0.87
C ASP B 138 -8.43 -1.64 -0.06
N THR B 139 -9.40 -0.88 0.44
CA THR B 139 -10.42 -0.31 -0.40
C THR B 139 -9.86 0.98 -0.96
N MET B 140 -10.00 1.14 -2.27
CA MET B 140 -9.48 2.25 -2.99
C MET B 140 -10.55 3.20 -3.44
N LYS B 141 -10.26 4.48 -3.28
CA LYS B 141 -11.11 5.52 -3.81
C LYS B 141 -10.42 6.35 -4.88
N ARG B 142 -11.22 6.76 -5.86
CA ARG B 142 -10.84 7.73 -6.85
C ARG B 142 -11.41 9.07 -6.40
N ALA B 143 -10.56 10.09 -6.28
CA ALA B 143 -11.05 11.47 -6.00
C ALA B 143 -11.66 12.05 -7.27
N GLU B 144 -12.70 12.88 -7.14
CA GLU B 144 -13.14 13.77 -8.24
C GLU B 144 -11.94 14.61 -8.72
N PRO B 145 -11.77 14.78 -10.06
CA PRO B 145 -10.53 15.38 -10.60
C PRO B 145 -10.32 16.79 -10.07
N GLY B 146 -9.10 17.10 -9.65
CA GLY B 146 -8.79 18.40 -9.05
C GLY B 146 -9.48 18.68 -7.73
N LYS B 147 -10.33 17.75 -7.29
CA LYS B 147 -11.04 17.89 -6.02
C LYS B 147 -10.62 16.80 -5.02
N ASN B 148 -11.09 16.95 -3.79
CA ASN B 148 -10.65 16.15 -2.64
C ASN B 148 -11.79 15.30 -2.03
N ALA B 149 -12.76 14.94 -2.89
CA ALA B 149 -13.92 14.15 -2.52
C ALA B 149 -13.98 12.88 -3.34
N ILE B 150 -14.62 11.85 -2.79
CA ILE B 150 -14.68 10.58 -3.49
C ILE B 150 -15.58 10.67 -4.72
N ALA B 151 -15.00 10.48 -5.90
CA ALA B 151 -15.76 10.16 -7.08
C ALA B 151 -16.45 8.80 -6.87
N HIS B 152 -15.65 7.73 -6.71
CA HIS B 152 -16.18 6.36 -6.58
C HIS B 152 -15.13 5.44 -5.96
N THR B 153 -15.57 4.24 -5.64
CA THR B 153 -14.68 3.23 -5.17
C THR B 153 -14.03 2.60 -6.41
N VAL B 154 -12.72 2.35 -6.39
CA VAL B 154 -12.08 1.64 -7.49
C VAL B 154 -12.04 0.16 -7.12
N ASP B 155 -12.39 -0.70 -8.05
CA ASP B 155 -12.45 -2.16 -7.84
C ASP B 155 -11.06 -2.76 -7.60
N ARG B 156 -10.82 -3.38 -6.44
CA ARG B 156 -9.49 -3.92 -6.20
C ARG B 156 -9.23 -5.33 -6.77
N ASN B 157 -10.27 -5.94 -7.34
CA ASN B 157 -10.13 -7.23 -8.01
C ASN B 157 -9.22 -7.13 -9.21
N GLY B 158 -8.13 -7.90 -9.21
CA GLY B 158 -7.11 -7.79 -10.26
C GLY B 158 -6.27 -6.50 -10.19
N LEU B 159 -6.27 -5.80 -9.06
CA LEU B 159 -5.43 -4.60 -8.85
C LEU B 159 -4.23 -4.91 -8.00
N TRP B 160 -3.05 -4.56 -8.49
CA TRP B 160 -1.79 -4.99 -7.92
C TRP B 160 -0.79 -3.83 -7.80
N HIS B 161 -0.05 -3.75 -6.68
CA HIS B 161 1.08 -2.81 -6.57
C HIS B 161 2.17 -3.39 -7.45
N ALA B 162 2.72 -2.58 -8.35
CA ALA B 162 3.95 -2.96 -9.07
C ALA B 162 5.24 -2.74 -8.20
N LEU B 163 6.05 -3.79 -8.09
CA LEU B 163 7.32 -3.81 -7.34
C LEU B 163 8.49 -4.12 -8.29
N THR B 164 9.74 -4.12 -7.79
CA THR B 164 10.83 -4.62 -8.59
C THR B 164 11.49 -5.69 -7.78
N PRO B 165 12.34 -6.52 -8.38
CA PRO B 165 12.76 -6.44 -9.79
C PRO B 165 11.69 -6.71 -10.85
N GLN B 166 11.98 -6.18 -12.03
CA GLN B 166 11.25 -6.52 -13.25
C GLN B 166 12.20 -7.30 -14.19
N PHE B 167 11.76 -8.48 -14.64
CA PHE B 167 12.62 -9.47 -15.29
C PHE B 167 12.10 -9.71 -16.71
N PHE B 168 12.91 -9.32 -17.68
CA PHE B 168 12.53 -9.39 -19.10
C PHE B 168 13.64 -9.98 -19.97
N PRO B 169 13.27 -10.59 -21.11
CA PRO B 169 14.29 -11.00 -22.12
C PRO B 169 14.96 -9.72 -22.62
N ARG B 170 16.30 -9.66 -22.66
CA ARG B 170 17.00 -8.42 -23.07
C ARG B 170 16.56 -7.82 -24.42
N GLU B 171 16.43 -8.66 -25.44
CA GLU B 171 15.94 -8.23 -26.77
C GLU B 171 14.64 -7.44 -26.66
N LEU B 172 13.58 -8.11 -26.25
CA LEU B 172 12.27 -7.47 -26.03
C LEU B 172 12.33 -6.21 -25.14
N LEU B 173 13.11 -6.26 -24.07
CA LEU B 173 13.24 -5.08 -23.22
C LEU B 173 13.84 -3.91 -24.00
N HIS B 174 14.92 -4.18 -24.75
CA HIS B 174 15.59 -3.14 -25.56
C HIS B 174 14.61 -2.47 -26.49
N ASP B 175 13.87 -3.28 -27.23
CA ASP B 175 12.99 -2.82 -28.31
C ASP B 175 11.81 -2.01 -27.79
N CYS B 176 11.11 -2.53 -26.77
CA CYS B 176 9.91 -1.84 -26.29
C CYS B 176 10.27 -0.55 -25.60
N LEU B 177 11.42 -0.53 -24.93
CA LEU B 177 11.87 0.70 -24.31
C LEU B 177 12.21 1.69 -25.42
N THR B 178 12.87 1.18 -26.47
CA THR B 178 13.31 1.99 -27.63
C THR B 178 12.12 2.63 -28.34
N ARG B 179 11.24 1.76 -28.81
CA ARG B 179 10.01 2.11 -29.53
C ARG B 179 9.09 3.02 -28.73
N ALA B 180 9.17 2.99 -27.40
CA ALA B 180 8.30 3.80 -26.55
C ALA B 180 8.87 5.18 -26.31
N LEU B 181 10.19 5.28 -26.40
CA LEU B 181 10.86 6.57 -26.20
C LEU B 181 10.82 7.33 -27.51
N ASN B 182 11.12 6.62 -28.59
CA ASN B 182 11.01 7.13 -29.95
C ASN B 182 9.62 7.71 -30.22
N GLU B 183 8.59 7.01 -29.73
CA GLU B 183 7.19 7.38 -29.94
C GLU B 183 6.61 8.33 -28.89
N GLY B 184 7.42 8.70 -27.89
CA GLY B 184 6.97 9.59 -26.83
C GLY B 184 5.96 9.05 -25.82
N ALA B 185 5.87 7.72 -25.72
CA ALA B 185 4.96 7.04 -24.77
C ALA B 185 5.15 7.57 -23.35
N THR B 186 4.08 7.53 -22.54
CA THR B 186 4.18 7.79 -21.10
C THR B 186 4.76 6.52 -20.46
N ILE B 187 6.02 6.62 -20.02
CA ILE B 187 6.75 5.53 -19.40
C ILE B 187 6.83 5.71 -17.88
N THR B 188 6.39 4.71 -17.13
CA THR B 188 6.61 4.68 -15.66
C THR B 188 7.64 3.61 -15.31
N ASP B 189 7.31 2.34 -15.53
CA ASP B 189 8.28 1.27 -15.24
C ASP B 189 8.56 0.44 -16.46
N GLU B 190 9.51 -0.47 -16.35
CA GLU B 190 9.93 -1.26 -17.51
C GLU B 190 8.73 -2.01 -18.09
N ALA B 191 7.91 -2.62 -17.22
CA ALA B 191 6.75 -3.34 -17.70
C ALA B 191 5.82 -2.43 -18.53
N SER B 192 5.64 -1.16 -18.14
CA SER B 192 4.84 -0.21 -18.93
C SER B 192 5.39 0.15 -20.35
N ALA B 193 6.68 -0.08 -20.56
CA ALA B 193 7.26 0.06 -21.90
C ALA B 193 6.82 -1.15 -22.71
N LEU B 194 6.65 -2.28 -22.01
CA LEU B 194 6.15 -3.51 -22.62
C LEU B 194 4.67 -3.36 -22.97
N GLU B 195 3.89 -2.83 -22.03
CA GLU B 195 2.44 -2.67 -22.19
C GLU B 195 2.07 -1.76 -23.37
N TYR B 196 2.72 -0.59 -23.44
CA TYR B 196 2.53 0.31 -24.56
C TYR B 196 2.82 -0.42 -25.86
N CYS B 197 3.85 -1.27 -25.87
CA CYS B 197 4.16 -2.05 -27.07
C CYS B 197 3.21 -3.25 -27.28
N GLY B 198 2.09 -3.27 -26.57
CA GLY B 198 1.09 -4.33 -26.70
C GLY B 198 1.48 -5.69 -26.12
N PHE B 199 2.39 -5.69 -25.14
CA PHE B 199 2.85 -6.94 -24.48
C PHE B 199 2.30 -7.10 -23.03
N HIS B 200 2.14 -8.34 -22.57
CA HIS B 200 1.49 -8.52 -21.27
C HIS B 200 2.27 -9.33 -20.25
N PRO B 201 3.12 -8.65 -19.50
CA PRO B 201 4.09 -9.29 -18.63
C PRO B 201 3.39 -9.83 -17.40
N GLN B 202 3.92 -10.92 -16.88
CA GLN B 202 3.31 -11.67 -15.79
C GLN B 202 3.35 -10.90 -14.46
N LEU B 203 2.34 -11.11 -13.62
CA LEU B 203 2.39 -10.61 -12.25
C LEU B 203 2.78 -11.73 -11.35
N VAL B 204 3.97 -11.66 -10.74
CA VAL B 204 4.53 -12.65 -9.82
C VAL B 204 4.40 -12.10 -8.40
N GLU B 205 3.66 -12.78 -7.53
CA GLU B 205 3.37 -12.21 -6.23
C GLU B 205 4.61 -12.22 -5.33
N GLY B 206 4.99 -11.09 -4.79
CA GLY B 206 6.03 -11.13 -3.76
C GLY B 206 5.56 -10.50 -2.46
N ARG B 207 6.40 -10.51 -1.45
CA ARG B 207 6.00 -10.01 -0.17
C ARG B 207 5.81 -8.53 -0.25
N ALA B 208 4.89 -8.04 0.56
CA ALA B 208 4.55 -6.65 0.64
C ALA B 208 5.57 -5.82 1.43
N ASP B 209 6.51 -6.47 2.12
CA ASP B 209 7.58 -5.75 2.84
C ASP B 209 8.73 -5.25 1.95
N ASN B 210 8.61 -5.55 0.64
CA ASN B 210 9.44 -5.03 -0.43
C ASN B 210 9.14 -3.58 -0.68
N ILE B 211 9.56 -2.71 0.20
CA ILE B 211 9.15 -1.30 0.06
C ILE B 211 10.21 -0.40 -0.55
N LYS B 212 9.77 0.77 -1.01
CA LYS B 212 10.61 1.78 -1.65
C LYS B 212 10.93 2.85 -0.62
N VAL B 213 12.22 3.13 -0.43
CA VAL B 213 12.59 4.20 0.50
C VAL B 213 12.68 5.49 -0.31
N THR B 214 11.73 6.37 -0.05
CA THR B 214 11.68 7.69 -0.66
C THR B 214 11.52 8.66 0.52
N ARG B 215 10.30 8.72 1.06
CA ARG B 215 9.96 9.55 2.24
C ARG B 215 11.03 9.43 3.35
N PRO B 216 10.96 10.31 4.36
CA PRO B 216 11.84 10.18 5.53
C PRO B 216 11.44 9.07 6.48
N GLU B 217 10.15 8.92 6.78
CA GLU B 217 9.69 7.87 7.70
C GLU B 217 9.89 6.48 7.11
N ASP B 218 10.19 6.45 5.81
CA ASP B 218 10.38 5.21 5.06
C ASP B 218 11.54 4.42 5.60
N LEU B 219 12.52 5.14 6.11
CA LEU B 219 13.83 4.61 6.40
C LEU B 219 13.78 3.63 7.59
N ALA B 220 13.07 3.99 8.65
CA ALA B 220 13.01 3.14 9.83
C ALA B 220 12.21 1.88 9.59
N LEU B 221 11.13 1.99 8.80
CA LEU B 221 10.38 0.79 8.42
C LEU B 221 11.25 -0.20 7.66
N ALA B 222 12.09 0.27 6.75
CA ALA B 222 12.99 -0.65 6.03
C ALA B 222 13.97 -1.38 6.96
N GLU B 223 14.54 -0.59 7.89
CA GLU B 223 15.48 -1.07 8.91
C GLU B 223 14.80 -2.19 9.68
N PHE B 224 13.53 -1.96 10.07
CA PHE B 224 12.74 -3.01 10.72
C PHE B 224 12.65 -4.26 9.83
N TYR B 225 12.37 -4.06 8.55
CA TYR B 225 12.10 -5.18 7.64
C TYR B 225 13.39 -5.94 7.39
N LEU B 226 14.49 -5.22 7.24
CA LEU B 226 15.82 -5.84 7.12
C LEU B 226 16.29 -6.69 8.30
N THR B 227 15.93 -6.26 9.51
CA THR B 227 16.23 -7.00 10.74
C THR B 227 15.41 -8.29 10.89
N ARG B 228 14.10 -8.26 10.59
CA ARG B 228 13.22 -9.49 10.46
C ARG B 228 13.90 -10.82 10.16
CL CL C . 1.14 2.57 -1.67
C1 N2P D . -10.45 4.33 -12.23
C2 N2P D . -10.56 2.83 -12.34
C3 N2P D . -9.41 2.28 -13.18
C4 N2P D . -9.26 0.78 -13.00
NE2 N2P D . -11.52 4.72 -11.35
C5 N2P D . -9.58 0.13 -14.33
N1 N2P D . -8.31 -0.25 -14.94
CL CL E . -0.94 9.44 19.49
CL CL F . -3.03 -1.96 0.19
CL CL G . 18.86 -20.43 -10.08
CL CL H . 16.41 -13.19 2.33
#